data_5OP4
#
_entry.id   5OP4
#
_cell.length_a   45.250
_cell.length_b   66.210
_cell.length_c   54.610
_cell.angle_alpha   90.000
_cell.angle_beta   102.230
_cell.angle_gamma   90.000
#
_symmetry.space_group_name_H-M   'P 1 21 1'
#
loop_
_entity.id
_entity.type
_entity.pdbx_description
1 polymer 'Serine/threonine-protein kinase Chk1'
2 non-polymer [4-[[4-(ethylamino)-5-(trifluoromethyl)pyrimidin-2-yl]amino]-2-fluoranyl-5-methoxy-phenyl]-morpholin-4-yl-methanone
3 water water
#
_entity_poly.entity_id   1
_entity_poly.type   'polypeptide(L)'
_entity_poly.pdbx_seq_one_letter_code
;MAVPFVEDWDLVQTLGEGAYGEVQLAVNRVTEEAVAVKIVDMKRAVDCPENIKKEICILKMLNHENVIKFYGHRREGNIQ
YLFMELASGGSLFDRIEPDIGMPEPDAQRFFHQLMAGVVYLHGIGITHRDIKPHNLLLDERDNLKIADYSLATVFRYNNR
ERLLNKMCGTLPYVAPELLKRREFHAEPVDVWSCGIVLTAMLAGELPWDQPSDSCQEYSDWKEKKTYLNPWKKIDSAPLA
LLHKILVENPSARITIPDIKKDRWYNKPLKKGAKRPRVTSGGVSESPSGHHHHHHHH
;
_entity_poly.pdbx_strand_id   A
#
loop_
_chem_comp.id
_chem_comp.type
_chem_comp.name
_chem_comp.formula
A0T non-polymer [4-[[4-(ethylamino)-5-(trifluoromethyl)pyrimidin-2-yl]amino]-2-fluoranyl-5-methoxy-phenyl]-morpholin-4-yl-methanone 'C19 H21 F4 N5 O3'
#
# COMPACT_ATOMS: atom_id res chain seq x y z
N VAL A 3 -0.15 24.40 -20.16
CA VAL A 3 0.80 23.72 -21.09
C VAL A 3 2.29 23.71 -20.59
N PRO A 4 2.55 23.24 -19.34
CA PRO A 4 3.98 22.96 -19.06
C PRO A 4 4.52 21.75 -19.82
N PHE A 5 5.83 21.60 -19.74
CA PHE A 5 6.51 20.58 -20.49
C PHE A 5 7.88 20.28 -19.94
N VAL A 6 8.46 19.16 -20.33
CA VAL A 6 9.83 18.83 -19.90
C VAL A 6 10.41 17.88 -20.91
N GLU A 7 11.56 18.27 -21.48
CA GLU A 7 12.18 17.55 -22.59
C GLU A 7 11.06 17.38 -23.63
N ASP A 8 10.63 16.17 -24.01
CA ASP A 8 9.55 16.02 -25.02
C ASP A 8 8.13 15.83 -24.50
N TRP A 9 7.93 15.98 -23.19
CA TRP A 9 6.64 15.59 -22.60
C TRP A 9 5.80 16.79 -22.23
N ASP A 10 4.52 16.75 -22.58
CA ASP A 10 3.58 17.75 -22.14
C ASP A 10 2.93 17.30 -20.84
N LEU A 11 2.90 18.19 -19.85
CA LEU A 11 2.15 18.00 -18.59
C LEU A 11 0.69 18.41 -18.77
N VAL A 12 -0.20 17.44 -18.85
CA VAL A 12 -1.58 17.64 -19.29
C VAL A 12 -2.70 17.59 -18.26
N GLN A 13 -2.56 16.89 -17.15
CA GLN A 13 -3.53 17.03 -16.05
C GLN A 13 -2.99 16.53 -14.74
N THR A 14 -3.63 16.98 -13.67
CA THR A 14 -3.15 16.65 -12.34
C THR A 14 -3.77 15.32 -11.95
N LEU A 15 -2.89 14.37 -11.66
CA LEU A 15 -3.29 13.05 -11.24
C LEU A 15 -3.44 12.97 -9.74
N GLY A 16 -2.60 13.68 -9.01
CA GLY A 16 -2.69 13.69 -7.56
C GLY A 16 -1.78 14.73 -6.96
N GLU A 17 -2.08 15.06 -5.71
CA GLU A 17 -1.35 16.08 -4.98
C GLU A 17 -0.87 15.42 -3.73
N GLY A 18 0.44 15.49 -3.52
CA GLY A 18 1.08 14.93 -2.34
C GLY A 18 1.46 16.03 -1.40
N ALA A 19 2.21 15.65 -0.35
CA ALA A 19 2.81 16.58 0.60
C ALA A 19 3.65 17.60 -0.14
N TYR A 20 4.66 17.10 -0.86
CA TYR A 20 5.53 17.92 -1.65
C TYR A 20 5.21 17.64 -3.12
N GLY A 21 4.76 18.68 -3.81
CA GLY A 21 4.46 18.62 -5.23
C GLY A 21 3.21 17.85 -5.63
N GLU A 22 3.25 17.31 -6.85
CA GLU A 22 2.09 16.71 -7.46
C GLU A 22 2.50 15.64 -8.47
N VAL A 23 1.51 14.95 -9.02
CA VAL A 23 1.75 14.00 -10.08
C VAL A 23 0.95 14.47 -11.24
N GLN A 24 1.62 14.52 -12.39
CA GLN A 24 1.00 14.95 -13.62
C GLN A 24 1.00 13.82 -14.64
N LEU A 25 0.00 13.84 -15.52
CA LEU A 25 -0.06 12.95 -16.68
C LEU A 25 0.90 13.57 -17.70
N ALA A 26 1.85 12.80 -18.18
CA ALA A 26 2.80 13.32 -19.17
C ALA A 26 2.62 12.58 -20.49
N VAL A 27 2.33 13.31 -21.58
CA VAL A 27 2.19 12.73 -22.91
C VAL A 27 3.31 13.23 -23.84
N ASN A 28 4.05 12.30 -24.42
CA ASN A 28 5.14 12.61 -25.32
C ASN A 28 4.56 12.93 -26.71
N ARG A 29 4.35 14.23 -27.00
CA ARG A 29 3.64 14.70 -28.24
C ARG A 29 4.20 14.20 -29.60
N VAL A 30 5.45 13.71 -29.61
CA VAL A 30 6.05 12.94 -30.71
C VAL A 30 5.50 11.51 -30.75
N THR A 31 5.72 10.77 -29.66
CA THR A 31 5.53 9.30 -29.68
C THR A 31 4.20 8.90 -29.07
N GLU A 32 3.53 9.87 -28.46
CA GLU A 32 2.18 9.78 -27.95
C GLU A 32 2.03 8.87 -26.69
N GLU A 33 3.14 8.35 -26.18
CA GLU A 33 3.15 7.52 -25.00
C GLU A 33 2.82 8.40 -23.81
N ALA A 34 2.09 7.85 -22.86
CA ALA A 34 1.67 8.57 -21.69
C ALA A 34 2.28 7.93 -20.44
N VAL A 35 2.87 8.74 -19.58
CA VAL A 35 3.41 8.27 -18.35
C VAL A 35 2.95 9.15 -17.16
N ALA A 36 3.44 8.82 -15.96
CA ALA A 36 3.12 9.63 -14.77
C ALA A 36 4.37 10.31 -14.36
N VAL A 37 4.28 11.59 -13.96
CA VAL A 37 5.49 12.28 -13.50
C VAL A 37 5.31 12.91 -12.16
N LYS A 38 6.20 12.58 -11.23
CA LYS A 38 6.12 13.18 -9.91
C LYS A 38 7.04 14.40 -9.93
N ILE A 39 6.48 15.52 -9.49
CA ILE A 39 7.16 16.81 -9.44
C ILE A 39 7.34 17.25 -8.00
N VAL A 40 8.56 17.63 -7.64
CA VAL A 40 8.91 17.94 -6.26
C VAL A 40 9.81 19.17 -6.07
N ASP A 41 9.72 19.76 -4.86
CA ASP A 41 10.64 20.81 -4.32
C ASP A 41 10.79 21.98 -5.27
N ASN A 51 16.34 13.06 0.93
CA ASN A 51 15.10 12.29 0.95
C ASN A 51 14.77 11.76 -0.44
N ILE A 52 14.88 12.66 -1.41
CA ILE A 52 14.58 12.35 -2.77
C ILE A 52 15.66 11.44 -3.27
N LYS A 53 16.89 11.66 -2.81
CA LYS A 53 18.03 10.80 -3.17
C LYS A 53 17.78 9.33 -2.85
N LYS A 54 17.31 9.08 -1.63
CA LYS A 54 17.05 7.75 -1.16
C LYS A 54 15.89 7.15 -1.94
N GLU A 55 14.82 7.93 -2.10
CA GLU A 55 13.66 7.52 -2.82
C GLU A 55 14.03 7.02 -4.20
N ILE A 56 14.86 7.80 -4.91
CA ILE A 56 15.26 7.46 -6.27
C ILE A 56 16.07 6.18 -6.23
N CYS A 57 16.97 6.07 -5.27
CA CYS A 57 17.71 4.88 -5.16
C CYS A 57 16.82 3.60 -4.98
N ILE A 58 15.81 3.69 -4.12
CA ILE A 58 14.86 2.58 -3.94
C ILE A 58 14.04 2.28 -5.23
N LEU A 59 13.53 3.34 -5.86
CA LEU A 59 12.76 3.24 -7.11
C LEU A 59 13.49 2.49 -8.26
N LYS A 60 14.79 2.69 -8.33
CA LYS A 60 15.62 2.00 -9.34
C LYS A 60 15.77 0.52 -9.10
N MET A 61 15.47 0.03 -7.91
CA MET A 61 15.51 -1.41 -7.62
C MET A 61 14.27 -2.14 -8.12
N LEU A 62 13.17 -1.42 -8.41
CA LEU A 62 11.88 -2.08 -8.49
C LEU A 62 11.53 -2.66 -9.84
N ASN A 63 11.37 -3.97 -9.88
CA ASN A 63 11.01 -4.61 -11.14
C ASN A 63 10.02 -5.76 -10.88
N HIS A 64 8.74 -5.44 -10.86
CA HIS A 64 7.72 -6.47 -10.60
C HIS A 64 6.38 -5.95 -11.11
N GLU A 65 5.56 -6.87 -11.60
CA GLU A 65 4.31 -6.47 -12.25
C GLU A 65 3.30 -5.81 -11.26
N ASN A 66 3.50 -5.98 -9.94
CA ASN A 66 2.61 -5.33 -8.93
C ASN A 66 3.25 -4.20 -8.16
N VAL A 67 4.34 -3.64 -8.68
CA VAL A 67 4.92 -2.41 -8.14
C VAL A 67 5.12 -1.39 -9.28
N ILE A 68 4.98 -0.10 -9.01
CA ILE A 68 5.06 0.94 -10.03
C ILE A 68 6.48 0.97 -10.58
N LYS A 69 6.65 0.89 -11.89
CA LYS A 69 8.01 0.95 -12.55
C LYS A 69 8.54 2.36 -12.62
N PHE A 70 9.86 2.51 -12.53
CA PHE A 70 10.52 3.79 -12.57
C PHE A 70 11.25 3.89 -13.90
N TYR A 71 11.01 4.97 -14.63
CA TYR A 71 11.64 5.18 -15.96
C TYR A 71 12.89 6.05 -15.92
N GLY A 72 12.90 7.05 -15.06
CA GLY A 72 14.09 7.88 -14.88
C GLY A 72 13.69 9.22 -14.33
N HIS A 73 14.66 10.09 -14.16
CA HIS A 73 14.41 11.42 -13.63
C HIS A 73 15.25 12.49 -14.31
N ARG A 74 14.76 13.72 -14.18
CA ARG A 74 15.45 14.91 -14.62
C ARG A 74 15.46 15.90 -13.50
N ARG A 75 16.53 16.68 -13.37
CA ARG A 75 16.69 17.55 -12.19
C ARG A 75 16.49 19.06 -12.40
N GLU A 76 15.94 19.51 -13.53
CA GLU A 76 16.08 20.93 -13.97
C GLU A 76 15.69 22.11 -12.98
N GLY A 77 16.72 22.75 -12.44
CA GLY A 77 16.55 23.87 -11.51
C GLY A 77 16.21 23.39 -10.11
N ASN A 78 15.14 23.93 -9.53
CA ASN A 78 14.70 23.52 -8.18
C ASN A 78 13.95 22.17 -8.24
N ILE A 79 13.25 21.97 -9.36
CA ILE A 79 12.28 20.91 -9.52
C ILE A 79 12.91 19.64 -10.10
N GLN A 80 12.52 18.53 -9.51
CA GLN A 80 13.00 17.20 -9.86
C GLN A 80 11.78 16.51 -10.46
N TYR A 81 11.98 15.78 -11.55
CA TYR A 81 10.90 15.08 -12.25
C TYR A 81 11.11 13.59 -12.24
N LEU A 82 10.19 12.83 -11.62
CA LEU A 82 10.35 11.37 -11.53
C LEU A 82 9.37 10.73 -12.46
N PHE A 83 9.89 10.08 -13.48
CA PHE A 83 9.07 9.49 -14.49
C PHE A 83 8.75 8.06 -14.06
N MET A 84 7.47 7.76 -14.08
CA MET A 84 6.97 6.48 -13.61
C MET A 84 5.89 5.91 -14.47
N GLU A 85 5.73 4.61 -14.40
CA GLU A 85 4.61 3.94 -15.08
C GLU A 85 3.30 4.63 -14.73
N LEU A 86 2.43 4.81 -15.72
CA LEU A 86 1.10 5.33 -15.50
C LEU A 86 0.13 4.17 -15.15
N ALA A 87 -0.71 4.36 -14.14
CA ALA A 87 -1.74 3.38 -13.75
C ALA A 87 -3.04 4.07 -14.12
N SER A 88 -3.55 3.76 -15.31
CA SER A 88 -4.62 4.59 -15.90
C SER A 88 -5.97 4.30 -15.29
N GLY A 89 -6.04 3.24 -14.47
CA GLY A 89 -7.25 2.93 -13.73
C GLY A 89 -7.43 3.70 -12.44
N GLY A 90 -6.43 4.46 -12.01
CA GLY A 90 -6.54 5.32 -10.83
C GLY A 90 -6.36 4.47 -9.58
N SER A 91 -6.97 4.89 -8.48
CA SER A 91 -6.63 4.23 -7.24
C SER A 91 -7.66 3.24 -6.78
N LEU A 92 -7.19 2.32 -5.97
CA LEU A 92 -8.11 1.39 -5.29
C LEU A 92 -9.06 2.15 -4.42
N PHE A 93 -8.64 3.26 -3.87
CA PHE A 93 -9.53 4.06 -2.99
C PHE A 93 -10.90 4.28 -3.65
N ASP A 94 -10.87 4.62 -4.92
CA ASP A 94 -12.09 4.89 -5.67
C ASP A 94 -12.91 3.70 -6.09
N ARG A 95 -12.50 2.46 -5.83
CA ARG A 95 -13.33 1.27 -6.13
C ARG A 95 -13.97 0.79 -4.88
N ILE A 96 -13.78 1.51 -3.79
CA ILE A 96 -14.36 1.07 -2.54
C ILE A 96 -15.55 1.95 -2.27
N GLU A 97 -16.74 1.37 -2.28
CA GLU A 97 -17.95 2.14 -2.02
C GLU A 97 -18.09 2.33 -0.49
N PRO A 98 -18.27 3.56 -0.04
CA PRO A 98 -18.35 3.72 1.41
C PRO A 98 -19.51 2.97 2.01
N ASP A 99 -19.23 2.33 3.13
CA ASP A 99 -20.16 1.47 3.83
C ASP A 99 -20.53 0.17 3.17
N ILE A 100 -20.01 -0.08 1.98
CA ILE A 100 -20.31 -1.32 1.25
C ILE A 100 -19.05 -2.15 0.96
N GLY A 101 -18.01 -1.51 0.44
CA GLY A 101 -16.80 -2.24 0.07
C GLY A 101 -16.82 -2.53 -1.44
N MET A 102 -16.65 -3.79 -1.80
CA MET A 102 -16.72 -4.20 -3.17
C MET A 102 -17.03 -5.71 -3.09
N PRO A 103 -17.39 -6.29 -4.19
CA PRO A 103 -17.67 -7.72 -4.22
C PRO A 103 -16.41 -8.48 -3.83
N GLU A 104 -16.66 -9.48 -3.03
CA GLU A 104 -15.67 -10.34 -2.46
C GLU A 104 -14.71 -10.92 -3.49
N PRO A 105 -15.18 -11.32 -4.66
CA PRO A 105 -14.20 -11.81 -5.64
C PRO A 105 -13.25 -10.71 -6.16
N ASP A 106 -13.71 -9.47 -6.24
CA ASP A 106 -12.76 -8.42 -6.68
C ASP A 106 -11.73 -8.19 -5.53
N ALA A 107 -12.23 -8.13 -4.29
CA ALA A 107 -11.41 -7.93 -3.12
C ALA A 107 -10.37 -9.02 -3.03
N GLN A 108 -10.74 -10.28 -3.32
CA GLN A 108 -9.78 -11.36 -3.25
C GLN A 108 -8.68 -11.22 -4.29
N ARG A 109 -9.07 -10.86 -5.47
CA ARG A 109 -8.10 -10.72 -6.55
C ARG A 109 -7.13 -9.58 -6.22
N PHE A 110 -7.63 -8.43 -5.74
CA PHE A 110 -6.74 -7.36 -5.36
C PHE A 110 -5.77 -7.73 -4.25
N PHE A 111 -6.30 -8.45 -3.23
CA PHE A 111 -5.51 -8.98 -2.14
C PHE A 111 -4.36 -9.90 -2.58
N HIS A 112 -4.66 -10.83 -3.45
CA HIS A 112 -3.67 -11.67 -4.07
C HIS A 112 -2.56 -10.86 -4.71
N GLN A 113 -2.93 -9.85 -5.45
CA GLN A 113 -1.95 -9.02 -6.09
C GLN A 113 -1.10 -8.15 -5.14
N LEU A 114 -1.77 -7.62 -4.11
CA LEU A 114 -1.11 -6.86 -3.07
C LEU A 114 -0.10 -7.72 -2.35
N MET A 115 -0.48 -8.96 -2.05
CA MET A 115 0.49 -9.88 -1.44
C MET A 115 1.71 -10.20 -2.41
N ALA A 116 1.43 -10.41 -3.69
CA ALA A 116 2.52 -10.65 -4.64
C ALA A 116 3.52 -9.46 -4.58
N GLY A 117 3.00 -8.26 -4.61
CA GLY A 117 3.86 -7.07 -4.50
C GLY A 117 4.64 -6.95 -3.22
N VAL A 118 3.96 -7.19 -2.09
CA VAL A 118 4.60 -7.11 -0.77
C VAL A 118 5.69 -8.17 -0.65
N VAL A 119 5.42 -9.39 -1.06
CA VAL A 119 6.46 -10.46 -1.08
C VAL A 119 7.66 -10.01 -1.84
N TYR A 120 7.44 -9.42 -2.98
CA TYR A 120 8.53 -8.92 -3.79
C TYR A 120 9.38 -7.87 -3.08
N LEU A 121 8.73 -6.87 -2.50
CA LEU A 121 9.44 -5.84 -1.80
C LEU A 121 10.19 -6.38 -0.67
N HIS A 122 9.53 -7.19 0.17
CA HIS A 122 10.20 -7.73 1.29
C HIS A 122 11.43 -8.60 0.83
N GLY A 123 11.32 -9.29 -0.30
CA GLY A 123 12.36 -10.19 -0.79
C GLY A 123 13.60 -9.38 -1.20
N ILE A 124 13.45 -8.15 -1.68
CA ILE A 124 14.59 -7.27 -1.94
C ILE A 124 14.94 -6.38 -0.77
N GLY A 125 14.32 -6.61 0.35
CA GLY A 125 14.69 -6.02 1.61
C GLY A 125 14.16 -4.61 1.80
N ILE A 126 13.08 -4.28 1.06
CA ILE A 126 12.44 -2.98 1.13
C ILE A 126 11.09 -3.11 1.91
N THR A 127 10.84 -2.19 2.84
CA THR A 127 9.57 -2.05 3.49
C THR A 127 8.92 -0.77 2.96
N HIS A 128 7.64 -0.82 2.56
CA HIS A 128 6.96 0.32 1.94
C HIS A 128 6.57 1.36 3.03
N ARG A 129 6.02 0.84 4.15
CA ARG A 129 5.62 1.65 5.33
C ARG A 129 4.37 2.54 5.26
N ASP A 130 3.69 2.55 4.14
CA ASP A 130 2.46 3.34 3.97
C ASP A 130 1.46 2.73 3.05
N ILE A 131 1.25 1.43 3.22
CA ILE A 131 0.26 0.74 2.45
C ILE A 131 -1.14 1.14 2.88
N LYS A 132 -1.87 1.68 1.91
CA LYS A 132 -3.23 2.10 2.03
C LYS A 132 -3.80 2.23 0.63
N PRO A 133 -5.12 2.28 0.49
CA PRO A 133 -5.79 2.30 -0.82
C PRO A 133 -5.40 3.51 -1.70
N HIS A 134 -5.07 4.68 -1.15
CA HIS A 134 -4.53 5.75 -2.03
C HIS A 134 -3.24 5.45 -2.72
N ASN A 135 -2.41 4.53 -2.15
CA ASN A 135 -1.13 4.13 -2.70
C ASN A 135 -1.21 2.84 -3.49
N LEU A 136 -2.40 2.31 -3.72
CA LEU A 136 -2.55 1.11 -4.48
C LEU A 136 -3.31 1.46 -5.75
N LEU A 137 -2.58 1.48 -6.87
CA LEU A 137 -3.11 1.98 -8.17
C LEU A 137 -3.43 0.83 -9.14
N LEU A 138 -4.31 1.11 -10.12
CA LEU A 138 -4.80 0.10 -11.00
C LEU A 138 -4.33 0.42 -12.44
N ASP A 139 -3.80 -0.56 -13.15
CA ASP A 139 -3.46 -0.35 -14.60
C ASP A 139 -4.74 -0.48 -15.39
N GLU A 140 -4.67 -0.47 -16.73
CA GLU A 140 -5.89 -0.55 -17.59
C GLU A 140 -6.69 -1.87 -17.49
N ARG A 141 -6.08 -2.97 -17.09
CA ARG A 141 -6.81 -4.22 -16.87
C ARG A 141 -7.08 -4.50 -15.36
N ASP A 142 -7.11 -3.43 -14.57
CA ASP A 142 -7.36 -3.54 -13.16
C ASP A 142 -6.30 -4.36 -12.40
N ASN A 143 -5.08 -4.34 -12.90
CA ASN A 143 -4.00 -4.93 -12.17
C ASN A 143 -3.48 -3.90 -11.15
N LEU A 144 -3.27 -4.38 -9.93
CA LEU A 144 -2.81 -3.56 -8.83
C LEU A 144 -1.33 -3.31 -8.84
N LYS A 145 -0.95 -2.09 -8.49
CA LYS A 145 0.44 -1.69 -8.40
C LYS A 145 0.68 -0.89 -7.15
N ILE A 146 1.70 -1.25 -6.41
CA ILE A 146 2.03 -0.55 -5.17
C ILE A 146 2.85 0.69 -5.59
N ALA A 147 2.37 1.85 -5.18
CA ALA A 147 2.96 3.14 -5.51
C ALA A 147 3.39 3.96 -4.29
N ASP A 148 4.23 4.98 -4.57
CA ASP A 148 4.72 5.96 -3.59
C ASP A 148 5.73 5.39 -2.63
N TYR A 149 6.99 5.61 -2.96
CA TYR A 149 8.14 5.08 -2.20
C TYR A 149 8.85 6.13 -1.36
N SER A 150 8.12 7.18 -1.05
CA SER A 150 8.70 8.27 -0.28
C SER A 150 8.89 7.97 1.19
N LEU A 151 8.14 7.03 1.78
CA LEU A 151 8.47 6.57 3.13
C LEU A 151 9.16 5.22 3.16
N ALA A 152 9.45 4.66 2.00
CA ALA A 152 10.09 3.34 1.98
C ALA A 152 11.51 3.33 2.50
N THR A 153 11.92 2.18 3.03
CA THR A 153 13.26 2.05 3.55
C THR A 153 13.79 0.62 3.44
N VAL A 154 15.10 0.49 3.58
CA VAL A 154 15.79 -0.79 3.52
C VAL A 154 15.76 -1.39 4.88
N PHE A 155 15.26 -2.59 5.04
CA PHE A 155 15.28 -3.18 6.33
C PHE A 155 16.19 -4.40 6.38
N ARG A 156 16.73 -4.81 5.25
CA ARG A 156 17.59 -5.99 5.18
C ARG A 156 18.68 -5.67 4.24
N TYR A 157 19.92 -5.85 4.69
CA TYR A 157 21.07 -5.60 3.83
C TYR A 157 22.18 -6.61 4.16
N ASN A 158 22.82 -7.18 3.13
CA ASN A 158 23.79 -8.27 3.35
C ASN A 158 23.28 -9.38 4.24
N ASN A 159 22.01 -9.73 4.01
CA ASN A 159 21.30 -10.73 4.76
C ASN A 159 21.17 -10.48 6.26
N ARG A 160 21.29 -9.23 6.68
CA ARG A 160 21.13 -8.89 8.04
C ARG A 160 19.89 -7.94 8.21
N GLU A 161 18.98 -8.26 9.13
CA GLU A 161 17.79 -7.45 9.29
C GLU A 161 18.13 -6.35 10.21
N ARG A 162 17.63 -5.18 9.98
CA ARG A 162 17.63 -4.22 11.04
C ARG A 162 16.21 -3.83 11.44
N LEU A 163 16.05 -3.56 12.71
CA LEU A 163 14.79 -3.11 13.26
C LEU A 163 14.59 -1.66 12.88
N LEU A 164 13.35 -1.21 12.77
CA LEU A 164 13.04 0.17 12.50
C LEU A 164 12.79 0.86 13.85
N ASN A 165 12.95 2.16 13.88
CA ASN A 165 12.61 3.02 15.02
C ASN A 165 11.79 4.28 14.66
N LYS A 166 11.76 4.66 13.40
CA LYS A 166 10.99 5.80 13.02
C LYS A 166 9.47 5.44 12.96
N MET A 167 8.63 6.32 13.51
CA MET A 167 7.19 6.16 13.36
C MET A 167 6.80 6.92 12.12
N CYS A 168 6.09 6.24 11.22
CA CYS A 168 5.49 6.89 10.07
C CYS A 168 4.36 5.97 9.53
N GLY A 169 3.67 6.46 8.53
CA GLY A 169 2.50 5.85 7.98
C GLY A 169 1.29 6.71 8.25
N THR A 170 0.15 6.05 8.37
CA THR A 170 -1.14 6.72 8.46
C THR A 170 -1.82 6.02 9.56
N LEU A 171 -2.25 6.75 10.58
CA LEU A 171 -2.71 6.14 11.81
C LEU A 171 -3.72 4.96 11.69
N PRO A 172 -4.78 5.13 10.87
CA PRO A 172 -5.67 4.04 10.81
C PRO A 172 -5.09 2.73 10.23
N TYR A 173 -3.98 2.82 9.52
CA TYR A 173 -3.31 1.67 8.91
C TYR A 173 -2.14 1.08 9.67
N VAL A 174 -1.69 1.78 10.69
CA VAL A 174 -0.48 1.47 11.38
C VAL A 174 -0.63 0.37 12.40
N ALA A 175 0.39 -0.45 12.58
CA ALA A 175 0.35 -1.58 13.52
C ALA A 175 0.58 -1.08 14.97
N PRO A 176 -0.05 -1.72 15.96
CA PRO A 176 0.01 -1.21 17.32
C PRO A 176 1.43 -1.09 17.88
N GLU A 177 2.36 -2.00 17.48
CA GLU A 177 3.75 -1.97 17.93
C GLU A 177 4.42 -0.70 17.54
N LEU A 178 4.05 -0.13 16.39
CA LEU A 178 4.67 1.09 15.96
C LEU A 178 4.34 2.25 16.89
N LEU A 179 3.21 2.20 17.54
CA LEU A 179 2.95 3.15 18.61
C LEU A 179 3.51 2.80 20.01
N LYS A 180 3.89 1.56 20.27
CA LYS A 180 4.26 1.14 21.61
C LYS A 180 5.73 0.75 21.85
N ARG A 181 6.47 0.39 20.82
CA ARG A 181 7.81 -0.14 20.99
C ARG A 181 8.74 0.84 20.39
N ARG A 182 9.93 0.92 20.96
CA ARG A 182 10.94 1.84 20.51
C ARG A 182 11.54 1.32 19.23
N GLU A 183 11.61 0.01 19.07
CA GLU A 183 12.10 -0.61 17.81
C GLU A 183 11.23 -1.81 17.48
N PHE A 184 11.06 -2.07 16.18
CA PHE A 184 10.17 -3.16 15.75
C PHE A 184 10.61 -3.68 14.40
N HIS A 185 10.23 -4.91 14.16
CA HIS A 185 10.38 -5.52 12.87
C HIS A 185 9.51 -4.92 11.77
N ALA A 186 10.09 -4.79 10.57
CA ALA A 186 9.46 -4.16 9.43
C ALA A 186 8.30 -4.96 8.82
N GLU A 187 8.52 -6.25 8.64
CA GLU A 187 7.59 -7.03 7.84
C GLU A 187 6.20 -7.14 8.50
N PRO A 188 6.12 -7.38 9.83
CA PRO A 188 4.79 -7.48 10.40
C PRO A 188 4.00 -6.16 10.32
N VAL A 189 4.66 -5.05 10.18
CA VAL A 189 3.96 -3.77 10.05
C VAL A 189 3.27 -3.65 8.70
N ASP A 190 3.94 -4.06 7.63
CA ASP A 190 3.32 -4.08 6.32
C ASP A 190 2.17 -5.13 6.21
N VAL A 191 2.35 -6.27 6.81
CA VAL A 191 1.30 -7.29 6.83
C VAL A 191 0.03 -6.71 7.55
N TRP A 192 0.22 -6.04 8.68
CA TRP A 192 -0.89 -5.44 9.39
C TRP A 192 -1.65 -4.47 8.50
N SER A 193 -0.97 -3.53 7.87
CA SER A 193 -1.63 -2.57 7.02
C SER A 193 -2.38 -3.25 5.82
N CYS A 194 -1.85 -4.35 5.26
CA CYS A 194 -2.60 -5.15 4.28
C CYS A 194 -3.93 -5.69 4.86
N GLY A 195 -3.94 -6.09 6.12
CA GLY A 195 -5.18 -6.51 6.77
C GLY A 195 -6.17 -5.36 6.96
N ILE A 196 -5.68 -4.17 7.17
CA ILE A 196 -6.64 -3.00 7.20
C ILE A 196 -7.18 -2.73 5.79
N VAL A 197 -6.33 -2.77 4.73
CA VAL A 197 -6.82 -2.69 3.40
C VAL A 197 -7.90 -3.74 3.08
N LEU A 198 -7.68 -4.97 3.45
CA LEU A 198 -8.65 -5.98 3.21
C LEU A 198 -9.96 -5.68 3.93
N THR A 199 -9.90 -5.23 5.19
CA THR A 199 -11.14 -4.81 5.89
C THR A 199 -11.93 -3.74 5.10
N ALA A 200 -11.22 -2.69 4.68
CA ALA A 200 -11.76 -1.59 3.89
C ALA A 200 -12.40 -2.08 2.58
N MET A 201 -11.75 -2.99 1.88
CA MET A 201 -12.38 -3.56 0.70
C MET A 201 -13.65 -4.35 0.97
N LEU A 202 -13.73 -5.05 2.08
CA LEU A 202 -14.86 -5.88 2.32
C LEU A 202 -15.98 -5.21 3.08
N ALA A 203 -15.69 -4.07 3.65
CA ALA A 203 -16.72 -3.44 4.45
C ALA A 203 -16.93 -1.95 4.16
N GLY A 204 -16.07 -1.35 3.36
CA GLY A 204 -16.17 0.03 3.00
C GLY A 204 -15.95 0.99 4.16
N GLU A 205 -15.29 0.56 5.24
CA GLU A 205 -15.09 1.39 6.41
C GLU A 205 -13.81 0.92 7.11
N LEU A 206 -13.10 1.85 7.71
CA LEU A 206 -11.94 1.55 8.50
C LEU A 206 -12.36 1.17 9.91
N PRO A 207 -11.73 0.14 10.54
CA PRO A 207 -12.22 -0.35 11.84
C PRO A 207 -11.94 0.52 13.03
N TRP A 208 -10.90 1.39 12.99
CA TRP A 208 -10.57 2.28 14.11
C TRP A 208 -9.74 3.43 13.62
N ASP A 209 -9.71 4.49 14.41
CA ASP A 209 -8.87 5.67 14.10
C ASP A 209 -7.38 5.38 14.29
N GLN A 210 -7.10 4.49 15.24
CA GLN A 210 -5.72 4.00 15.53
C GLN A 210 -5.78 2.86 16.51
N PRO A 211 -4.77 1.94 16.45
CA PRO A 211 -4.81 0.72 17.27
C PRO A 211 -4.17 0.97 18.65
N SER A 212 -4.80 1.81 19.44
CA SER A 212 -4.23 2.22 20.74
C SER A 212 -5.23 1.85 21.81
N ASP A 213 -4.75 1.78 23.03
CA ASP A 213 -5.59 1.35 24.15
C ASP A 213 -6.73 2.33 24.47
N SER A 214 -6.59 3.59 24.05
CA SER A 214 -7.62 4.58 24.23
C SER A 214 -8.65 4.67 23.06
N CYS A 215 -8.66 3.67 22.15
CA CYS A 215 -9.57 3.68 21.02
C CYS A 215 -10.52 2.56 21.29
N GLN A 216 -11.79 2.93 21.51
CA GLN A 216 -12.81 1.98 21.95
C GLN A 216 -12.98 0.89 20.88
N GLU A 217 -12.93 1.30 19.59
CA GLU A 217 -13.14 0.33 18.49
C GLU A 217 -12.04 -0.73 18.47
N TYR A 218 -10.80 -0.33 18.75
CA TYR A 218 -9.71 -1.33 18.85
C TYR A 218 -9.90 -2.24 20.05
N SER A 219 -10.29 -1.66 21.20
CA SER A 219 -10.58 -2.52 22.37
C SER A 219 -11.66 -3.46 22.07
N ASP A 220 -12.69 -3.00 21.40
CA ASP A 220 -13.79 -3.92 21.00
C ASP A 220 -13.34 -5.11 20.19
N TRP A 221 -12.46 -4.85 19.22
CA TRP A 221 -11.90 -5.96 18.46
C TRP A 221 -11.04 -6.89 19.30
N LYS A 222 -10.22 -6.34 20.18
CA LYS A 222 -9.41 -7.25 21.04
C LYS A 222 -10.29 -8.13 21.95
N GLU A 223 -11.42 -7.59 22.37
CA GLU A 223 -12.43 -8.35 23.10
C GLU A 223 -13.33 -9.19 22.22
N LYS A 224 -13.01 -9.29 20.93
CA LYS A 224 -13.72 -10.17 19.96
C LYS A 224 -15.19 -9.87 19.75
N LYS A 225 -15.54 -8.60 19.78
CA LYS A 225 -16.92 -8.16 19.53
C LYS A 225 -17.23 -8.03 18.04
N THR A 226 -17.32 -9.16 17.36
CA THR A 226 -17.51 -9.14 15.94
C THR A 226 -18.94 -9.08 15.48
N TYR A 227 -19.86 -8.91 16.43
CA TYR A 227 -21.24 -8.53 16.14
C TYR A 227 -21.37 -7.08 15.82
N LEU A 228 -20.35 -6.27 16.06
CA LEU A 228 -20.32 -4.88 15.63
C LEU A 228 -19.75 -4.69 14.19
N ASN A 229 -19.98 -3.54 13.59
CA ASN A 229 -19.38 -3.18 12.32
C ASN A 229 -17.93 -2.80 12.55
N PRO A 230 -17.04 -2.95 11.55
CA PRO A 230 -17.35 -3.48 10.23
C PRO A 230 -17.43 -4.98 10.14
N TRP A 231 -17.19 -5.66 11.25
CA TRP A 231 -16.91 -7.08 11.21
C TRP A 231 -18.15 -7.89 10.81
N LYS A 232 -19.32 -7.38 11.17
CA LYS A 232 -20.53 -8.12 10.84
C LYS A 232 -20.88 -8.05 9.39
N LYS A 233 -20.25 -7.16 8.60
CA LYS A 233 -20.46 -7.16 7.14
C LYS A 233 -19.60 -8.17 6.38
N ILE A 234 -18.74 -8.85 7.11
CA ILE A 234 -17.71 -9.66 6.47
C ILE A 234 -18.02 -11.10 6.68
N ASP A 235 -17.95 -11.87 5.60
CA ASP A 235 -18.17 -13.31 5.67
C ASP A 235 -17.16 -13.98 6.58
N SER A 236 -17.56 -15.10 7.16
CA SER A 236 -16.74 -15.79 8.11
C SER A 236 -15.38 -16.28 7.53
N ALA A 237 -15.27 -16.67 6.28
CA ALA A 237 -13.97 -17.11 5.80
C ALA A 237 -12.91 -15.92 5.76
N PRO A 238 -13.25 -14.76 5.17
CA PRO A 238 -12.26 -13.68 5.18
C PRO A 238 -12.05 -13.16 6.55
N LEU A 239 -13.08 -13.22 7.39
CA LEU A 239 -12.98 -12.78 8.80
C LEU A 239 -12.04 -13.64 9.65
N ALA A 240 -11.97 -14.94 9.38
CA ALA A 240 -10.99 -15.79 9.99
C ALA A 240 -9.56 -15.39 9.64
N LEU A 241 -9.32 -15.01 8.40
CA LEU A 241 -8.03 -14.48 8.02
C LEU A 241 -7.72 -13.18 8.72
N LEU A 242 -8.64 -12.25 8.73
CA LEU A 242 -8.46 -11.03 9.46
C LEU A 242 -8.15 -11.25 10.91
N HIS A 243 -8.77 -12.27 11.52
CA HIS A 243 -8.39 -12.64 12.88
C HIS A 243 -6.94 -13.01 13.00
N LYS A 244 -6.31 -13.58 11.98
CA LYS A 244 -4.87 -13.98 12.07
C LYS A 244 -3.92 -12.84 11.73
N ILE A 245 -4.39 -11.87 10.96
CA ILE A 245 -3.60 -10.70 10.57
C ILE A 245 -3.60 -9.63 11.59
N LEU A 246 -4.76 -9.29 12.06
CA LEU A 246 -4.85 -8.20 13.01
C LEU A 246 -4.67 -8.66 14.50
N VAL A 247 -3.51 -9.30 14.74
CA VAL A 247 -3.11 -9.87 16.04
C VAL A 247 -2.12 -8.85 16.60
N GLU A 248 -2.34 -8.44 17.84
CA GLU A 248 -1.61 -7.31 18.47
C GLU A 248 -0.10 -7.60 18.69
N ASN A 249 0.24 -8.82 19.06
CA ASN A 249 1.65 -9.23 19.21
C ASN A 249 2.24 -9.57 17.84
N PRO A 250 3.22 -8.78 17.35
CA PRO A 250 3.78 -8.98 15.97
C PRO A 250 4.46 -10.30 15.71
N SER A 251 4.99 -10.94 16.76
CA SER A 251 5.61 -12.26 16.57
C SER A 251 4.55 -13.39 16.50
N ALA A 252 3.36 -13.20 17.06
CA ALA A 252 2.24 -14.15 16.85
C ALA A 252 1.48 -13.89 15.53
N ARG A 253 1.59 -12.68 14.98
CA ARG A 253 0.88 -12.34 13.74
C ARG A 253 1.30 -13.27 12.59
N ILE A 254 0.36 -13.63 11.74
CA ILE A 254 0.62 -14.43 10.59
C ILE A 254 1.58 -13.75 9.63
N THR A 255 2.38 -14.57 8.97
CA THR A 255 3.34 -14.16 7.98
C THR A 255 2.75 -14.42 6.64
N ILE A 256 3.35 -13.82 5.63
CA ILE A 256 2.86 -13.98 4.33
C ILE A 256 2.87 -15.42 3.84
N PRO A 257 3.95 -16.17 4.07
CA PRO A 257 3.90 -17.62 3.69
C PRO A 257 2.71 -18.36 4.24
N ASP A 258 2.31 -18.04 5.49
CA ASP A 258 1.10 -18.60 6.07
C ASP A 258 -0.22 -18.03 5.55
N ILE A 259 -0.24 -16.74 5.18
CA ILE A 259 -1.42 -16.16 4.55
C ILE A 259 -1.75 -16.92 3.26
N LYS A 260 -0.71 -17.29 2.53
CA LYS A 260 -0.91 -17.99 1.26
C LYS A 260 -1.47 -19.43 1.37
N LYS A 261 -1.54 -19.96 2.56
CA LYS A 261 -2.21 -21.25 2.86
C LYS A 261 -3.57 -21.10 3.48
N ASP A 262 -4.00 -19.88 3.77
CA ASP A 262 -5.28 -19.62 4.39
C ASP A 262 -6.45 -20.07 3.46
N ARG A 263 -7.50 -20.54 4.09
CA ARG A 263 -8.61 -21.16 3.33
C ARG A 263 -9.34 -20.11 2.47
N TRP A 264 -9.63 -18.91 2.98
CA TRP A 264 -10.28 -17.90 2.12
C TRP A 264 -9.34 -17.49 0.99
N TYR A 265 -8.05 -17.31 1.29
CA TYR A 265 -7.06 -16.91 0.27
C TYR A 265 -7.07 -17.87 -0.98
N ASN A 266 -7.28 -19.14 -0.72
CA ASN A 266 -7.29 -20.20 -1.76
C ASN A 266 -8.71 -20.60 -2.23
N LYS A 267 -9.75 -19.91 -1.76
CA LYS A 267 -11.12 -20.22 -2.19
C LYS A 267 -11.42 -19.72 -3.56
N PRO A 268 -11.87 -20.60 -4.46
CA PRO A 268 -12.26 -20.09 -5.82
C PRO A 268 -13.53 -19.17 -5.80
N LEU A 269 -13.45 -18.01 -6.43
CA LEU A 269 -14.57 -17.06 -6.39
C LEU A 269 -14.89 -16.50 -7.75
N LYS A 270 -16.17 -16.16 -7.89
CA LYS A 270 -16.81 -15.68 -9.14
C LYS A 270 -16.68 -14.21 -9.44
C01 A0T B . -1.67 9.19 -7.01
C02 A0T B . -1.23 9.51 -8.42
N03 A0T B . -0.03 8.75 -8.80
C04 A0T B . -0.04 8.07 -9.91
C05 A0T B . 1.08 7.37 -10.41
C06 A0T B . 0.95 6.64 -11.58
N07 A0T B . -0.24 6.69 -12.15
C08 A0T B . -1.27 7.43 -11.70
N09 A0T B . -1.18 8.11 -10.56
N10 A0T B . -2.40 7.41 -12.39
C11 A0T B . -3.62 7.96 -12.03
C12 A0T B . -3.98 8.28 -10.72
C13 A0T B . -5.28 8.77 -10.49
C14 A0T B . -6.21 8.94 -11.50
C15 A0T B . -5.86 8.60 -12.79
C16 A0T B . -4.56 8.14 -13.07
O17 A0T B . -4.18 7.80 -14.36
C18 A0T B . -5.04 8.26 -15.42
C19 A0T B . -7.64 9.45 -11.21
O20 A0T B . -8.56 8.64 -11.35
N21 A0T B . -8.00 10.75 -11.02
C22 A0T B . -9.42 11.17 -11.26
C23 A0T B . -9.47 11.89 -12.62
O24 A0T B . -8.65 13.09 -12.46
C25 A0T B . -7.30 12.95 -11.86
C26 A0T B . -7.04 11.84 -10.82
C28 A0T B . 2.41 7.31 -9.69
F27 A0T B . -5.73 9.11 -9.30
F29 A0T B . 2.25 6.67 -8.48
F30 A0T B . 2.87 8.59 -9.55
F31 A0T B . 3.25 6.59 -10.36
#